data_7MC3
#
_entry.id   7MC3
#
loop_
_entity.id
_entity.type
_entity.pdbx_description
1 polymer 'Isoform 2 of Zinc finger and BTB domain-containing protein 17'
2 non-polymer 'ZINC ION'
#
_entity_poly.entity_id   1
_entity_poly.type   'polypeptide(L)'
_entity_poly.pdbx_seq_one_letter_code
;MKPYVCERCGKRFVQSSQLANHIRHHDNIRPYKCSVCSKAFVNVGDLSKHIIIHTGEKPYLCDKCGRGFNRVDNLRSHVK
TVHQG
;
_entity_poly.pdbx_strand_id   A
#
loop_
_chem_comp.id
_chem_comp.type
_chem_comp.name
_chem_comp.formula
ZN non-polymer 'ZINC ION' 'Zn 2'
#
# COMPACT_ATOMS: atom_id res chain seq x y z
N THR A 55 1.60 2.60 17.34
CA THR A 55 1.79 1.54 16.36
C THR A 55 3.24 1.09 16.28
N GLY A 56 4.13 2.04 16.12
CA GLY A 56 5.55 1.76 16.05
C GLY A 56 5.97 1.35 14.65
N GLU A 57 5.33 0.32 14.13
CA GLU A 57 5.58 -0.14 12.77
C GLU A 57 4.83 0.76 11.79
N LYS A 58 5.57 1.36 10.88
CA LYS A 58 4.99 2.27 9.89
C LYS A 58 4.27 1.47 8.81
N PRO A 59 2.93 1.52 8.78
CA PRO A 59 2.14 0.75 7.85
C PRO A 59 2.01 1.43 6.49
N TYR A 60 2.36 0.70 5.45
CA TYR A 60 2.16 1.16 4.09
C TYR A 60 0.80 0.70 3.62
N LEU A 61 -0.17 1.59 3.72
CA LEU A 61 -1.54 1.22 3.43
C LEU A 61 -2.06 1.94 2.20
N CYS A 62 -2.82 1.20 1.42
CA CYS A 62 -3.43 1.68 0.21
C CYS A 62 -4.54 2.65 0.58
N ASP A 63 -4.23 3.94 0.50
CA ASP A 63 -5.20 4.99 0.82
C ASP A 63 -6.40 4.90 -0.11
N LYS A 64 -6.22 4.17 -1.21
CA LYS A 64 -7.25 4.04 -2.23
C LYS A 64 -8.39 3.14 -1.76
N CYS A 65 -8.08 2.13 -0.96
CA CYS A 65 -9.13 1.19 -0.54
C CYS A 65 -9.02 0.77 0.94
N GLY A 66 -7.87 1.03 1.57
CA GLY A 66 -7.72 0.71 2.99
C GLY A 66 -6.92 -0.57 3.24
N ARG A 67 -5.96 -0.84 2.38
CA ARG A 67 -5.12 -2.05 2.52
C ARG A 67 -3.89 -1.74 3.34
N GLY A 68 -3.73 -2.39 4.47
CA GLY A 68 -2.54 -2.18 5.27
C GLY A 68 -1.49 -3.25 5.04
N PHE A 69 -0.35 -2.86 4.50
CA PHE A 69 0.80 -3.75 4.35
C PHE A 69 1.99 -3.19 5.11
N ASN A 70 2.80 -4.04 5.70
CA ASN A 70 4.02 -3.61 6.35
C ASN A 70 5.21 -3.79 5.42
N ARG A 71 4.93 -3.89 4.12
CA ARG A 71 5.97 -3.98 3.12
C ARG A 71 5.58 -3.10 1.92
N VAL A 72 6.34 -2.04 1.71
CA VAL A 72 6.03 -1.03 0.71
C VAL A 72 6.01 -1.61 -0.70
N ASP A 73 6.81 -2.65 -0.91
CA ASP A 73 6.93 -3.26 -2.23
C ASP A 73 5.60 -3.90 -2.65
N ASN A 74 4.85 -4.42 -1.69
CA ASN A 74 3.57 -5.04 -2.01
C ASN A 74 2.51 -3.98 -2.13
N LEU A 75 2.67 -2.92 -1.33
CA LEU A 75 1.74 -1.82 -1.30
C LEU A 75 1.83 -1.03 -2.60
N ARG A 76 3.06 -0.71 -3.00
CA ARG A 76 3.30 0.10 -4.18
C ARG A 76 2.73 -0.59 -5.40
N SER A 77 2.97 -1.89 -5.50
CA SER A 77 2.42 -2.70 -6.56
C SER A 77 0.88 -2.61 -6.56
N HIS A 78 0.29 -2.88 -5.40
CA HIS A 78 -1.16 -2.87 -5.22
C HIS A 78 -1.76 -1.55 -5.71
N VAL A 79 -1.28 -0.45 -5.17
CA VAL A 79 -1.79 0.86 -5.55
C VAL A 79 -1.52 1.17 -7.01
N LYS A 80 -0.26 1.01 -7.42
CA LYS A 80 0.17 1.43 -8.74
C LYS A 80 -0.45 0.61 -9.86
N THR A 81 -0.78 -0.66 -9.62
CA THR A 81 -1.33 -1.47 -10.69
C THR A 81 -2.86 -1.65 -10.58
N VAL A 82 -3.35 -1.90 -9.36
CA VAL A 82 -4.76 -2.22 -9.19
C VAL A 82 -5.63 -0.97 -9.18
N HIS A 83 -5.18 0.05 -8.48
CA HIS A 83 -5.98 1.26 -8.31
C HIS A 83 -5.53 2.34 -9.28
N GLN A 84 -4.30 2.24 -9.76
CA GLN A 84 -3.77 3.18 -10.73
C GLN A 84 -3.69 2.54 -12.10
N GLY A 85 -2.85 1.52 -12.23
CA GLY A 85 -2.73 0.81 -13.49
C GLY A 85 -1.28 0.62 -13.90
ZN ZN B . -6.05 -1.07 -2.60
N THR A 55 7.43 7.79 12.96
CA THR A 55 7.52 6.41 13.42
C THR A 55 8.72 5.71 12.80
N GLY A 56 9.27 6.38 11.78
CA GLY A 56 10.37 5.81 11.04
C GLY A 56 9.88 4.89 9.95
N GLU A 57 9.20 3.84 10.38
CA GLU A 57 8.54 2.94 9.47
C GLU A 57 7.06 3.31 9.37
N LYS A 58 6.72 4.09 8.36
CA LYS A 58 5.36 4.54 8.18
C LYS A 58 4.51 3.39 7.64
N PRO A 59 3.26 3.27 8.12
CA PRO A 59 2.33 2.24 7.65
C PRO A 59 2.10 2.33 6.15
N TYR A 60 2.46 1.26 5.45
CA TYR A 60 2.30 1.23 4.01
C TYR A 60 0.91 0.71 3.66
N LEU A 61 -0.08 1.58 3.78
CA LEU A 61 -1.45 1.18 3.54
C LEU A 61 -2.05 1.97 2.39
N CYS A 62 -2.77 1.24 1.57
CA CYS A 62 -3.46 1.79 0.42
C CYS A 62 -4.65 2.62 0.88
N ASP A 63 -4.47 3.92 0.93
CA ASP A 63 -5.52 4.83 1.40
C ASP A 63 -6.68 4.84 0.40
N LYS A 64 -6.40 4.28 -0.77
CA LYS A 64 -7.37 4.23 -1.84
C LYS A 64 -8.47 3.22 -1.55
N CYS A 65 -8.16 2.18 -0.77
CA CYS A 65 -9.18 1.20 -0.44
C CYS A 65 -9.11 0.75 1.04
N GLY A 66 -7.94 0.89 1.66
CA GLY A 66 -7.80 0.51 3.06
C GLY A 66 -6.95 -0.74 3.27
N ARG A 67 -5.99 -0.96 2.39
CA ARG A 67 -5.10 -2.12 2.49
C ARG A 67 -3.91 -1.81 3.38
N GLY A 68 -3.76 -2.54 4.47
CA GLY A 68 -2.61 -2.32 5.34
C GLY A 68 -1.50 -3.31 5.09
N PHE A 69 -0.38 -2.82 4.53
CA PHE A 69 0.80 -3.64 4.32
C PHE A 69 1.94 -3.19 5.23
N ASN A 70 2.76 -4.16 5.62
CA ASN A 70 3.96 -3.88 6.37
C ASN A 70 5.16 -3.78 5.42
N ARG A 71 4.87 -3.87 4.13
CA ARG A 71 5.92 -3.83 3.12
C ARG A 71 5.50 -2.92 1.98
N VAL A 72 6.31 -1.90 1.74
CA VAL A 72 6.04 -0.90 0.73
C VAL A 72 6.03 -1.51 -0.67
N ASP A 73 6.76 -2.61 -0.83
CA ASP A 73 6.80 -3.32 -2.10
C ASP A 73 5.42 -3.79 -2.52
N ASN A 74 4.69 -4.37 -1.59
CA ASN A 74 3.36 -4.91 -1.89
C ASN A 74 2.39 -3.77 -2.08
N LEU A 75 2.59 -2.71 -1.30
CA LEU A 75 1.73 -1.54 -1.36
C LEU A 75 1.93 -0.83 -2.69
N ARG A 76 3.19 -0.65 -3.05
CA ARG A 76 3.56 0.06 -4.26
C ARG A 76 2.94 -0.62 -5.47
N SER A 77 3.06 -1.93 -5.53
CA SER A 77 2.47 -2.70 -6.61
C SER A 77 0.95 -2.54 -6.60
N HIS A 78 0.33 -2.90 -5.47
CA HIS A 78 -1.12 -2.82 -5.28
C HIS A 78 -1.69 -1.51 -5.82
N VAL A 79 -1.23 -0.39 -5.27
CA VAL A 79 -1.74 0.91 -5.67
C VAL A 79 -1.42 1.22 -7.14
N LYS A 80 -0.20 0.94 -7.56
CA LYS A 80 0.25 1.32 -8.90
C LYS A 80 -0.37 0.47 -10.00
N THR A 81 -0.82 -0.73 -9.70
CA THR A 81 -1.46 -1.55 -10.72
C THR A 81 -2.99 -1.54 -10.60
N VAL A 82 -3.53 -2.05 -9.51
CA VAL A 82 -4.95 -2.31 -9.43
C VAL A 82 -5.74 -1.04 -9.10
N HIS A 83 -5.06 -0.02 -8.61
CA HIS A 83 -5.73 1.26 -8.32
C HIS A 83 -5.22 2.36 -9.23
N GLN A 84 -4.28 2.03 -10.10
CA GLN A 84 -3.69 3.04 -10.98
C GLN A 84 -3.45 2.51 -12.40
N GLY A 85 -2.53 1.57 -12.55
CA GLY A 85 -2.17 1.10 -13.86
C GLY A 85 -2.70 -0.28 -14.16
ZN ZN B . -5.96 -0.94 -2.51
N THR A 55 6.98 8.19 14.82
CA THR A 55 6.45 7.06 14.06
C THR A 55 7.59 6.28 13.43
N GLY A 56 7.61 4.97 13.66
CA GLY A 56 8.57 4.13 13.00
C GLY A 56 8.15 3.82 11.58
N GLU A 57 8.06 4.88 10.78
CA GLU A 57 7.52 4.82 9.42
C GLU A 57 6.02 4.53 9.45
N LYS A 58 5.26 5.41 8.84
CA LYS A 58 3.81 5.22 8.72
C LYS A 58 3.51 3.94 7.95
N PRO A 59 2.55 3.14 8.45
CA PRO A 59 2.17 1.88 7.82
C PRO A 59 1.89 2.05 6.32
N TYR A 60 2.42 1.14 5.52
CA TYR A 60 2.27 1.21 4.08
C TYR A 60 0.89 0.71 3.68
N LEU A 61 -0.10 1.58 3.85
CA LEU A 61 -1.46 1.19 3.59
C LEU A 61 -2.05 1.98 2.45
N CYS A 62 -2.74 1.25 1.58
CA CYS A 62 -3.43 1.80 0.44
C CYS A 62 -4.60 2.64 0.92
N ASP A 63 -4.42 3.95 0.99
CA ASP A 63 -5.46 4.84 1.47
C ASP A 63 -6.60 4.91 0.47
N LYS A 64 -6.40 4.26 -0.67
CA LYS A 64 -7.40 4.19 -1.70
C LYS A 64 -8.52 3.22 -1.31
N CYS A 65 -8.17 2.13 -0.63
CA CYS A 65 -9.16 1.13 -0.28
C CYS A 65 -9.04 0.63 1.16
N GLY A 66 -7.94 0.98 1.84
CA GLY A 66 -7.76 0.58 3.22
C GLY A 66 -6.93 -0.68 3.37
N ARG A 67 -5.99 -0.89 2.46
CA ARG A 67 -5.12 -2.07 2.52
C ARG A 67 -3.93 -1.79 3.43
N GLY A 68 -3.79 -2.53 4.50
CA GLY A 68 -2.68 -2.30 5.40
C GLY A 68 -1.54 -3.27 5.18
N PHE A 69 -0.53 -2.84 4.43
CA PHE A 69 0.68 -3.65 4.23
C PHE A 69 1.79 -3.18 5.14
N ASN A 70 2.63 -4.11 5.54
CA ASN A 70 3.80 -3.78 6.35
C ASN A 70 5.04 -3.79 5.48
N ARG A 71 4.82 -3.82 4.16
CA ARG A 71 5.90 -3.83 3.19
C ARG A 71 5.51 -2.96 2.00
N VAL A 72 6.33 -1.95 1.73
CA VAL A 72 6.04 -0.96 0.72
C VAL A 72 6.04 -1.57 -0.68
N ASP A 73 6.78 -2.66 -0.84
CA ASP A 73 6.88 -3.33 -2.13
C ASP A 73 5.51 -3.86 -2.58
N ASN A 74 4.73 -4.34 -1.63
CA ASN A 74 3.40 -4.87 -1.95
C ASN A 74 2.42 -3.74 -2.13
N LEU A 75 2.64 -2.67 -1.37
CA LEU A 75 1.79 -1.49 -1.44
C LEU A 75 1.99 -0.79 -2.78
N ARG A 76 3.24 -0.62 -3.15
CA ARG A 76 3.62 0.02 -4.42
C ARG A 76 2.92 -0.67 -5.58
N SER A 77 3.02 -1.99 -5.62
CA SER A 77 2.40 -2.77 -6.67
C SER A 77 0.89 -2.58 -6.65
N HIS A 78 0.29 -2.85 -5.48
CA HIS A 78 -1.14 -2.76 -5.27
C HIS A 78 -1.71 -1.43 -5.79
N VAL A 79 -1.21 -0.33 -5.26
CA VAL A 79 -1.69 0.98 -5.64
C VAL A 79 -1.43 1.25 -7.12
N LYS A 80 -0.22 0.99 -7.57
CA LYS A 80 0.21 1.35 -8.92
C LYS A 80 -0.48 0.51 -9.99
N THR A 81 -0.75 -0.75 -9.74
CA THR A 81 -1.27 -1.58 -10.81
C THR A 81 -2.81 -1.67 -10.80
N VAL A 82 -3.40 -2.08 -9.67
CA VAL A 82 -4.83 -2.35 -9.65
C VAL A 82 -5.65 -1.08 -9.42
N HIS A 83 -5.11 -0.13 -8.67
CA HIS A 83 -5.83 1.11 -8.38
C HIS A 83 -5.45 2.21 -9.37
N GLN A 84 -4.17 2.29 -9.69
CA GLN A 84 -3.68 3.33 -10.59
C GLN A 84 -3.68 2.83 -12.03
N GLY A 85 -2.93 1.77 -12.29
CA GLY A 85 -2.83 1.28 -13.65
C GLY A 85 -1.41 1.26 -14.16
ZN ZN B . -5.97 -0.90 -2.48
N THR A 55 9.72 7.66 14.97
CA THR A 55 8.53 7.07 14.37
C THR A 55 8.72 5.58 14.09
N GLY A 56 7.68 4.78 14.34
CA GLY A 56 7.74 3.37 14.05
C GLY A 56 7.49 3.10 12.57
N GLU A 57 7.94 4.04 11.73
CA GLU A 57 7.71 4.02 10.30
C GLU A 57 6.23 4.12 9.94
N LYS A 58 5.96 4.78 8.82
CA LYS A 58 4.61 4.96 8.34
C LYS A 58 4.06 3.65 7.78
N PRO A 59 2.87 3.24 8.24
CA PRO A 59 2.24 2.01 7.76
C PRO A 59 1.95 2.09 6.27
N TYR A 60 2.44 1.12 5.51
CA TYR A 60 2.30 1.12 4.07
C TYR A 60 0.92 0.61 3.68
N LEU A 61 -0.06 1.49 3.79
CA LEU A 61 -1.43 1.12 3.50
C LEU A 61 -1.94 1.85 2.26
N CYS A 62 -2.81 1.16 1.54
CA CYS A 62 -3.42 1.67 0.33
C CYS A 62 -4.56 2.61 0.69
N ASP A 63 -4.29 3.90 0.63
CA ASP A 63 -5.27 4.92 1.01
C ASP A 63 -6.45 4.90 0.06
N LYS A 64 -6.30 4.16 -1.04
CA LYS A 64 -7.36 4.03 -2.02
C LYS A 64 -8.49 3.18 -1.48
N CYS A 65 -8.14 2.03 -0.89
CA CYS A 65 -9.17 1.07 -0.49
C CYS A 65 -9.06 0.66 0.99
N GLY A 66 -7.96 1.02 1.65
CA GLY A 66 -7.80 0.68 3.05
C GLY A 66 -7.00 -0.60 3.27
N ARG A 67 -6.05 -0.87 2.39
CA ARG A 67 -5.19 -2.05 2.51
C ARG A 67 -4.04 -1.75 3.44
N GLY A 68 -3.93 -2.48 4.54
CA GLY A 68 -2.84 -2.21 5.47
C GLY A 68 -1.71 -3.22 5.37
N PHE A 69 -0.62 -2.82 4.71
CA PHE A 69 0.56 -3.66 4.59
C PHE A 69 1.74 -3.06 5.34
N ASN A 70 2.74 -3.89 5.61
CA ASN A 70 3.97 -3.43 6.22
C ASN A 70 5.13 -3.56 5.24
N ARG A 71 4.82 -3.75 3.96
CA ARG A 71 5.82 -3.89 2.94
C ARG A 71 5.49 -2.97 1.78
N VAL A 72 6.32 -1.95 1.61
CA VAL A 72 6.11 -0.92 0.62
C VAL A 72 6.13 -1.51 -0.78
N ASP A 73 6.86 -2.60 -0.96
CA ASP A 73 6.98 -3.24 -2.26
C ASP A 73 5.65 -3.81 -2.71
N ASN A 74 4.90 -4.41 -1.80
CA ASN A 74 3.63 -5.02 -2.17
C ASN A 74 2.55 -3.96 -2.21
N LEU A 75 2.71 -2.95 -1.36
CA LEU A 75 1.78 -1.83 -1.32
C LEU A 75 1.89 -1.00 -2.58
N ARG A 76 3.12 -0.71 -2.98
CA ARG A 76 3.37 0.11 -4.15
C ARG A 76 2.79 -0.55 -5.37
N SER A 77 3.04 -1.85 -5.48
CA SER A 77 2.50 -2.64 -6.56
C SER A 77 0.97 -2.58 -6.57
N HIS A 78 0.38 -2.82 -5.41
CA HIS A 78 -1.08 -2.82 -5.23
C HIS A 78 -1.68 -1.50 -5.72
N VAL A 79 -1.16 -0.39 -5.24
CA VAL A 79 -1.66 0.92 -5.65
C VAL A 79 -1.34 1.17 -7.13
N LYS A 80 -0.10 0.93 -7.51
CA LYS A 80 0.37 1.23 -8.86
C LYS A 80 -0.41 0.46 -9.93
N THR A 81 -0.76 -0.78 -9.68
CA THR A 81 -1.44 -1.55 -10.72
C THR A 81 -2.95 -1.66 -10.48
N VAL A 82 -3.37 -1.93 -9.27
CA VAL A 82 -4.78 -2.24 -9.02
C VAL A 82 -5.63 -0.97 -8.99
N HIS A 83 -5.10 0.09 -8.41
CA HIS A 83 -5.87 1.31 -8.24
C HIS A 83 -5.39 2.43 -9.14
N GLN A 84 -4.42 2.13 -10.00
CA GLN A 84 -3.87 3.15 -10.88
C GLN A 84 -3.59 2.61 -12.29
N GLY A 85 -2.64 1.68 -12.41
CA GLY A 85 -2.25 1.22 -13.72
C GLY A 85 -2.63 -0.22 -13.98
ZN ZN B . -5.98 -1.09 -2.55
N THR A 55 3.01 -1.94 16.46
CA THR A 55 3.61 -1.33 15.29
C THR A 55 3.78 0.18 15.47
N GLY A 56 4.97 0.60 15.85
CA GLY A 56 5.24 2.02 16.04
C GLY A 56 5.38 2.75 14.72
N GLU A 57 5.90 2.06 13.72
CA GLU A 57 6.04 2.63 12.39
C GLU A 57 4.68 2.72 11.70
N LYS A 58 4.57 3.57 10.71
CA LYS A 58 3.33 3.72 9.96
C LYS A 58 3.18 2.58 8.96
N PRO A 59 2.08 1.82 9.05
CA PRO A 59 1.76 0.78 8.07
C PRO A 59 1.54 1.38 6.69
N TYR A 60 2.18 0.80 5.69
CA TYR A 60 2.04 1.27 4.33
C TYR A 60 0.73 0.77 3.74
N LEU A 61 -0.32 1.53 3.98
CA LEU A 61 -1.65 1.12 3.59
C LEU A 61 -2.16 1.94 2.42
N CYS A 62 -2.79 1.23 1.52
CA CYS A 62 -3.45 1.80 0.36
C CYS A 62 -4.66 2.58 0.81
N ASP A 63 -4.52 3.90 0.92
CA ASP A 63 -5.62 4.74 1.38
C ASP A 63 -6.73 4.76 0.35
N LYS A 64 -6.39 4.31 -0.86
CA LYS A 64 -7.32 4.25 -1.96
C LYS A 64 -8.46 3.29 -1.66
N CYS A 65 -8.18 2.28 -0.84
CA CYS A 65 -9.22 1.31 -0.50
C CYS A 65 -9.15 0.88 0.98
N GLY A 66 -7.96 0.78 1.54
CA GLY A 66 -7.81 0.38 2.93
C GLY A 66 -6.95 -0.86 3.13
N ARG A 67 -5.97 -1.05 2.27
CA ARG A 67 -5.06 -2.20 2.36
C ARG A 67 -3.85 -1.86 3.22
N GLY A 68 -3.66 -2.57 4.32
CA GLY A 68 -2.53 -2.25 5.18
C GLY A 68 -1.38 -3.23 5.04
N PHE A 69 -0.37 -2.83 4.27
CA PHE A 69 0.84 -3.65 4.10
C PHE A 69 1.93 -3.17 5.03
N ASN A 70 2.74 -4.09 5.52
CA ASN A 70 3.90 -3.75 6.32
C ASN A 70 5.15 -3.70 5.46
N ARG A 71 4.94 -3.61 4.15
CA ARG A 71 6.02 -3.58 3.19
C ARG A 71 5.63 -2.75 1.97
N VAL A 72 6.49 -1.81 1.61
CA VAL A 72 6.24 -0.92 0.49
C VAL A 72 6.19 -1.70 -0.82
N ASP A 73 6.91 -2.81 -0.87
CA ASP A 73 6.98 -3.62 -2.08
C ASP A 73 5.58 -4.09 -2.52
N ASN A 74 4.76 -4.49 -1.56
CA ASN A 74 3.42 -4.96 -1.89
C ASN A 74 2.48 -3.78 -2.08
N LEU A 75 2.72 -2.72 -1.31
CA LEU A 75 1.88 -1.52 -1.38
C LEU A 75 2.08 -0.83 -2.72
N ARG A 76 3.32 -0.73 -3.15
CA ARG A 76 3.67 -0.07 -4.41
C ARG A 76 2.98 -0.78 -5.56
N SER A 77 3.07 -2.11 -5.53
CA SER A 77 2.41 -2.95 -6.52
C SER A 77 0.91 -2.71 -6.51
N HIS A 78 0.30 -2.91 -5.35
CA HIS A 78 -1.14 -2.79 -5.16
C HIS A 78 -1.68 -1.47 -5.70
N VAL A 79 -1.20 -0.37 -5.15
CA VAL A 79 -1.69 0.95 -5.52
C VAL A 79 -1.43 1.24 -7.00
N LYS A 80 -0.24 0.91 -7.47
CA LYS A 80 0.16 1.27 -8.83
C LYS A 80 -0.54 0.44 -9.89
N THR A 81 -0.83 -0.82 -9.63
CA THR A 81 -1.41 -1.66 -10.66
C THR A 81 -2.93 -1.75 -10.55
N VAL A 82 -3.45 -1.88 -9.33
CA VAL A 82 -4.88 -2.09 -9.14
C VAL A 82 -5.65 -0.78 -9.20
N HIS A 83 -5.19 0.21 -8.45
CA HIS A 83 -5.94 1.45 -8.30
C HIS A 83 -5.43 2.53 -9.25
N GLN A 84 -4.38 2.22 -9.98
CA GLN A 84 -3.81 3.15 -10.93
C GLN A 84 -3.68 2.49 -12.29
N GLY A 85 -2.89 1.44 -12.37
CA GLY A 85 -2.75 0.70 -13.61
C GLY A 85 -1.31 0.56 -14.04
ZN ZN B . -6.01 -0.86 -2.57
N THR A 55 7.90 5.41 15.65
CA THR A 55 7.36 4.13 15.21
C THR A 55 8.35 3.33 14.36
N GLY A 56 9.26 4.05 13.73
CA GLY A 56 10.29 3.43 12.91
C GLY A 56 9.78 3.04 11.54
N GLU A 57 8.86 2.10 11.52
CA GLU A 57 8.24 1.65 10.29
C GLU A 57 6.81 2.15 10.23
N LYS A 58 6.51 2.90 9.19
CA LYS A 58 5.19 3.49 9.01
C LYS A 58 4.25 2.45 8.41
N PRO A 59 2.94 2.59 8.62
CA PRO A 59 1.95 1.73 7.98
C PRO A 59 1.89 1.98 6.49
N TYR A 60 2.21 0.95 5.70
CA TYR A 60 2.20 1.08 4.25
C TYR A 60 0.85 0.61 3.73
N LEU A 61 -0.13 1.49 3.82
CA LEU A 61 -1.49 1.12 3.51
C LEU A 61 -2.03 1.92 2.32
N CYS A 62 -2.79 1.21 1.50
CA CYS A 62 -3.42 1.74 0.33
C CYS A 62 -4.59 2.63 0.74
N ASP A 63 -4.35 3.94 0.74
CA ASP A 63 -5.34 4.90 1.22
C ASP A 63 -6.61 4.83 0.38
N LYS A 64 -6.48 4.31 -0.82
CA LYS A 64 -7.58 4.29 -1.77
C LYS A 64 -8.65 3.30 -1.37
N CYS A 65 -8.25 2.15 -0.81
CA CYS A 65 -9.23 1.13 -0.46
C CYS A 65 -9.14 0.71 1.01
N GLY A 66 -7.98 0.88 1.62
CA GLY A 66 -7.81 0.51 3.03
C GLY A 66 -6.98 -0.74 3.21
N ARG A 67 -6.02 -0.95 2.32
CA ARG A 67 -5.14 -2.12 2.40
C ARG A 67 -3.97 -1.83 3.32
N GLY A 68 -3.85 -2.58 4.40
CA GLY A 68 -2.75 -2.35 5.32
C GLY A 68 -1.60 -3.33 5.13
N PHE A 69 -0.55 -2.88 4.46
CA PHE A 69 0.65 -3.70 4.27
C PHE A 69 1.76 -3.23 5.21
N ASN A 70 2.70 -4.12 5.47
CA ASN A 70 3.87 -3.78 6.27
C ASN A 70 5.11 -3.73 5.38
N ARG A 71 4.90 -3.71 4.07
CA ARG A 71 6.00 -3.70 3.13
C ARG A 71 5.64 -2.85 1.91
N VAL A 72 6.52 -1.89 1.62
CA VAL A 72 6.30 -0.93 0.54
C VAL A 72 6.18 -1.61 -0.82
N ASP A 73 6.90 -2.70 -1.00
CA ASP A 73 6.92 -3.39 -2.28
C ASP A 73 5.54 -3.91 -2.65
N ASN A 74 4.78 -4.37 -1.66
CA ASN A 74 3.45 -4.88 -1.92
C ASN A 74 2.48 -3.72 -2.08
N LEU A 75 2.70 -2.69 -1.28
CA LEU A 75 1.87 -1.50 -1.32
C LEU A 75 1.99 -0.79 -2.66
N ARG A 76 3.22 -0.59 -3.10
CA ARG A 76 3.50 0.13 -4.33
C ARG A 76 2.92 -0.62 -5.50
N SER A 77 3.08 -1.94 -5.48
CA SER A 77 2.51 -2.79 -6.50
C SER A 77 0.99 -2.68 -6.49
N HIS A 78 0.41 -2.88 -5.31
CA HIS A 78 -1.05 -2.85 -5.13
C HIS A 78 -1.65 -1.57 -5.71
N VAL A 79 -1.21 -0.42 -5.22
CA VAL A 79 -1.75 0.84 -5.65
C VAL A 79 -1.47 1.09 -7.14
N LYS A 80 -0.23 0.92 -7.54
CA LYS A 80 0.20 1.27 -8.89
C LYS A 80 -0.35 0.33 -9.97
N THR A 81 -0.76 -0.88 -9.60
CA THR A 81 -1.32 -1.78 -10.60
C THR A 81 -2.85 -1.83 -10.53
N VAL A 82 -3.42 -1.90 -9.32
CA VAL A 82 -4.86 -2.07 -9.17
C VAL A 82 -5.59 -0.73 -9.27
N HIS A 83 -5.20 0.23 -8.44
CA HIS A 83 -5.98 1.45 -8.27
C HIS A 83 -5.47 2.57 -9.18
N GLN A 84 -4.23 2.45 -9.63
CA GLN A 84 -3.66 3.44 -10.54
C GLN A 84 -3.29 2.81 -11.87
N GLY A 85 -2.97 1.52 -11.85
CA GLY A 85 -2.64 0.82 -13.08
C GLY A 85 -3.82 0.68 -14.00
ZN ZN B . -5.98 -0.98 -2.57
N THR A 55 1.02 6.05 15.13
CA THR A 55 2.13 5.20 14.72
C THR A 55 3.29 6.08 14.26
N GLY A 56 4.40 5.99 15.00
CA GLY A 56 5.57 6.78 14.67
C GLY A 56 6.18 6.36 13.36
N GLU A 57 6.23 5.06 13.14
CA GLU A 57 6.72 4.52 11.88
C GLU A 57 5.65 4.69 10.80
N LYS A 58 6.04 4.53 9.55
CA LYS A 58 5.13 4.74 8.44
C LYS A 58 4.39 3.47 8.08
N PRO A 59 3.07 3.42 8.30
CA PRO A 59 2.23 2.32 7.87
C PRO A 59 1.93 2.43 6.37
N TYR A 60 2.34 1.43 5.62
CA TYR A 60 2.18 1.46 4.17
C TYR A 60 0.87 0.81 3.78
N LEU A 61 -0.21 1.55 3.93
CA LEU A 61 -1.53 1.03 3.61
C LEU A 61 -2.10 1.78 2.42
N CYS A 62 -2.73 1.02 1.53
CA CYS A 62 -3.37 1.59 0.36
C CYS A 62 -4.58 2.40 0.77
N ASP A 63 -4.40 3.72 0.83
CA ASP A 63 -5.47 4.62 1.21
C ASP A 63 -6.60 4.56 0.18
N LYS A 64 -6.24 4.11 -1.02
CA LYS A 64 -7.18 4.03 -2.12
C LYS A 64 -8.36 3.13 -1.78
N CYS A 65 -8.10 2.04 -1.04
CA CYS A 65 -9.19 1.11 -0.73
C CYS A 65 -9.17 0.64 0.73
N GLY A 66 -8.12 0.95 1.47
CA GLY A 66 -8.08 0.59 2.88
C GLY A 66 -7.29 -0.67 3.15
N ARG A 67 -6.25 -0.89 2.35
CA ARG A 67 -5.33 -2.01 2.56
C ARG A 67 -4.47 -1.74 3.79
N GLY A 68 -3.59 -2.65 4.15
CA GLY A 68 -2.64 -2.39 5.21
C GLY A 68 -1.41 -3.27 5.12
N PHE A 69 -0.33 -2.71 4.56
CA PHE A 69 0.93 -3.42 4.44
C PHE A 69 2.00 -2.77 5.30
N ASN A 70 3.06 -3.51 5.57
CA ASN A 70 4.25 -2.94 6.18
C ASN A 70 5.45 -3.15 5.27
N ARG A 71 5.18 -3.57 4.03
CA ARG A 71 6.22 -3.72 3.04
C ARG A 71 5.84 -2.94 1.80
N VAL A 72 6.69 -1.99 1.43
CA VAL A 72 6.43 -1.06 0.34
C VAL A 72 6.27 -1.79 -0.99
N ASP A 73 6.96 -2.91 -1.16
CA ASP A 73 6.91 -3.64 -2.42
C ASP A 73 5.49 -4.12 -2.73
N ASN A 74 4.74 -4.48 -1.70
CA ASN A 74 3.38 -4.96 -1.91
C ASN A 74 2.45 -3.78 -2.08
N LEU A 75 2.72 -2.72 -1.32
CA LEU A 75 1.92 -1.51 -1.36
C LEU A 75 2.03 -0.86 -2.74
N ARG A 76 3.27 -0.70 -3.19
CA ARG A 76 3.55 -0.04 -4.47
C ARG A 76 2.96 -0.83 -5.63
N SER A 77 3.04 -2.14 -5.55
CA SER A 77 2.44 -3.01 -6.56
C SER A 77 0.92 -2.85 -6.55
N HIS A 78 0.35 -2.92 -5.35
CA HIS A 78 -1.08 -2.86 -5.15
C HIS A 78 -1.68 -1.56 -5.70
N VAL A 79 -1.20 -0.43 -5.20
CA VAL A 79 -1.75 0.86 -5.59
C VAL A 79 -1.54 1.13 -7.07
N LYS A 80 -0.31 0.96 -7.54
CA LYS A 80 0.05 1.35 -8.90
C LYS A 80 -0.61 0.45 -9.94
N THR A 81 -0.93 -0.78 -9.60
CA THR A 81 -1.53 -1.67 -10.57
C THR A 81 -3.05 -1.76 -10.41
N VAL A 82 -3.54 -1.85 -9.18
CA VAL A 82 -4.97 -2.00 -8.95
C VAL A 82 -5.71 -0.66 -8.97
N HIS A 83 -5.10 0.36 -8.37
CA HIS A 83 -5.79 1.63 -8.15
C HIS A 83 -5.17 2.75 -8.97
N GLN A 84 -4.28 2.37 -9.87
CA GLN A 84 -3.68 3.33 -10.80
C GLN A 84 -3.66 2.68 -12.18
N GLY A 85 -3.16 1.46 -12.23
CA GLY A 85 -3.21 0.69 -13.46
C GLY A 85 -4.57 0.06 -13.69
ZN ZN B . -5.96 -1.06 -2.59
N THR A 55 9.10 -0.94 15.65
CA THR A 55 7.95 -1.29 14.84
C THR A 55 8.43 -1.84 13.50
N GLY A 56 7.66 -2.74 12.92
CA GLY A 56 8.01 -3.27 11.62
C GLY A 56 7.58 -2.33 10.52
N GLU A 57 8.01 -1.06 10.66
CA GLU A 57 7.61 0.02 9.78
C GLU A 57 6.12 0.32 9.90
N LYS A 58 5.77 1.60 9.81
CA LYS A 58 4.38 2.01 9.87
C LYS A 58 3.62 1.34 8.73
N PRO A 59 2.40 0.85 9.01
CA PRO A 59 1.60 0.17 8.00
C PRO A 59 1.41 1.02 6.76
N TYR A 60 1.92 0.53 5.64
CA TYR A 60 1.77 1.20 4.36
C TYR A 60 0.46 0.74 3.75
N LEU A 61 -0.59 1.46 4.04
CA LEU A 61 -1.91 1.04 3.63
C LEU A 61 -2.39 1.86 2.44
N CYS A 62 -2.88 1.14 1.45
CA CYS A 62 -3.45 1.69 0.24
C CYS A 62 -4.60 2.62 0.59
N ASP A 63 -4.32 3.91 0.61
CA ASP A 63 -5.30 4.92 1.05
C ASP A 63 -6.56 4.87 0.20
N LYS A 64 -6.44 4.23 -0.95
CA LYS A 64 -7.52 4.17 -1.92
C LYS A 64 -8.57 3.14 -1.55
N CYS A 65 -8.18 2.11 -0.79
CA CYS A 65 -9.14 1.08 -0.39
C CYS A 65 -8.97 0.63 1.07
N GLY A 66 -7.82 0.96 1.67
CA GLY A 66 -7.58 0.61 3.06
C GLY A 66 -6.76 -0.66 3.25
N ARG A 67 -5.98 -1.01 2.23
CA ARG A 67 -5.13 -2.21 2.28
C ARG A 67 -3.88 -1.94 3.11
N GLY A 68 -3.70 -2.64 4.20
CA GLY A 68 -2.55 -2.36 5.04
C GLY A 68 -1.45 -3.39 4.93
N PHE A 69 -0.35 -3.01 4.28
CA PHE A 69 0.84 -3.84 4.19
C PHE A 69 2.00 -3.21 4.96
N ASN A 70 2.73 -4.02 5.71
CA ASN A 70 3.92 -3.53 6.40
C ASN A 70 5.15 -3.58 5.49
N ARG A 71 4.90 -3.64 4.19
CA ARG A 71 5.96 -3.70 3.20
C ARG A 71 5.59 -2.88 1.98
N VAL A 72 6.43 -1.91 1.66
CA VAL A 72 6.19 -1.00 0.54
C VAL A 72 6.12 -1.74 -0.78
N ASP A 73 6.83 -2.87 -0.87
CA ASP A 73 6.83 -3.67 -2.09
C ASP A 73 5.40 -4.08 -2.48
N ASN A 74 4.63 -4.49 -1.49
CA ASN A 74 3.28 -4.96 -1.72
C ASN A 74 2.36 -3.78 -1.98
N LEU A 75 2.58 -2.72 -1.21
CA LEU A 75 1.76 -1.52 -1.30
C LEU A 75 1.97 -0.83 -2.65
N ARG A 76 3.24 -0.67 -3.01
CA ARG A 76 3.64 0.04 -4.22
C ARG A 76 3.04 -0.63 -5.44
N SER A 77 3.10 -1.94 -5.45
CA SER A 77 2.53 -2.72 -6.52
C SER A 77 1.01 -2.57 -6.53
N HIS A 78 0.41 -2.79 -5.37
CA HIS A 78 -1.03 -2.76 -5.19
C HIS A 78 -1.65 -1.48 -5.74
N VAL A 79 -1.19 -0.34 -5.23
CA VAL A 79 -1.74 0.95 -5.62
C VAL A 79 -1.49 1.22 -7.10
N LYS A 80 -0.24 1.05 -7.52
CA LYS A 80 0.15 1.45 -8.87
C LYS A 80 -0.42 0.56 -9.96
N THR A 81 -0.79 -0.67 -9.64
CA THR A 81 -1.39 -1.53 -10.65
C THR A 81 -2.91 -1.67 -10.48
N VAL A 82 -3.38 -1.90 -9.26
CA VAL A 82 -4.80 -2.21 -9.04
C VAL A 82 -5.65 -0.94 -9.02
N HIS A 83 -5.11 0.12 -8.44
CA HIS A 83 -5.89 1.36 -8.28
C HIS A 83 -5.31 2.47 -9.15
N GLN A 84 -4.36 2.12 -10.00
CA GLN A 84 -3.73 3.10 -10.87
C GLN A 84 -3.56 2.58 -12.29
N GLY A 85 -2.66 1.62 -12.49
CA GLY A 85 -2.36 1.17 -13.83
C GLY A 85 -2.56 -0.31 -14.00
ZN ZN B . -6.01 -1.05 -2.61
N THR A 55 7.52 1.41 14.28
CA THR A 55 6.68 2.12 13.35
C THR A 55 5.63 2.94 14.11
N GLY A 56 6.04 4.13 14.55
CA GLY A 56 5.14 5.00 15.28
C GLY A 56 4.11 5.64 14.37
N GLU A 57 4.46 5.75 13.10
CA GLU A 57 3.54 6.27 12.09
C GLU A 57 2.55 5.19 11.67
N LYS A 58 1.83 5.44 10.59
CA LYS A 58 0.90 4.47 10.07
C LYS A 58 1.62 3.50 9.15
N PRO A 59 1.15 2.25 9.09
CA PRO A 59 1.67 1.26 8.14
C PRO A 59 1.46 1.71 6.70
N TYR A 60 2.14 1.05 5.78
CA TYR A 60 2.02 1.37 4.37
C TYR A 60 0.72 0.81 3.81
N LEU A 61 -0.34 1.55 4.01
CA LEU A 61 -1.67 1.10 3.65
C LEU A 61 -2.21 1.92 2.50
N CYS A 62 -2.88 1.21 1.61
CA CYS A 62 -3.53 1.78 0.45
C CYS A 62 -4.65 2.71 0.89
N ASP A 63 -4.36 3.99 0.90
CA ASP A 63 -5.30 5.02 1.34
C ASP A 63 -6.57 4.97 0.51
N LYS A 64 -6.44 4.40 -0.68
CA LYS A 64 -7.55 4.30 -1.62
C LYS A 64 -8.62 3.34 -1.12
N CYS A 65 -8.23 2.12 -0.75
CA CYS A 65 -9.24 1.12 -0.38
C CYS A 65 -9.13 0.67 1.08
N GLY A 66 -7.97 0.91 1.70
CA GLY A 66 -7.78 0.54 3.10
C GLY A 66 -6.95 -0.72 3.29
N ARG A 67 -6.01 -0.96 2.39
CA ARG A 67 -5.16 -2.15 2.45
C ARG A 67 -3.94 -1.88 3.33
N GLY A 68 -3.78 -2.59 4.42
CA GLY A 68 -2.65 -2.33 5.30
C GLY A 68 -1.51 -3.31 5.11
N PHE A 69 -0.42 -2.82 4.52
CA PHE A 69 0.79 -3.63 4.34
C PHE A 69 1.93 -3.04 5.16
N ASN A 70 2.85 -3.88 5.60
CA ASN A 70 4.07 -3.40 6.24
C ASN A 70 5.23 -3.45 5.26
N ARG A 71 4.92 -3.83 4.04
CA ARG A 71 5.91 -3.92 2.99
C ARG A 71 5.56 -2.98 1.85
N VAL A 72 6.44 -2.02 1.60
CA VAL A 72 6.23 -1.01 0.56
C VAL A 72 6.12 -1.66 -0.81
N ASP A 73 6.79 -2.80 -0.97
CA ASP A 73 6.79 -3.52 -2.24
C ASP A 73 5.38 -3.92 -2.64
N ASN A 74 4.60 -4.40 -1.68
CA ASN A 74 3.26 -4.87 -1.98
C ASN A 74 2.32 -3.69 -2.10
N LEU A 75 2.56 -2.68 -1.26
CA LEU A 75 1.74 -1.47 -1.28
C LEU A 75 1.93 -0.74 -2.59
N ARG A 76 3.19 -0.53 -2.95
CA ARG A 76 3.55 0.25 -4.13
C ARG A 76 2.97 -0.38 -5.36
N SER A 77 3.05 -1.71 -5.42
CA SER A 77 2.47 -2.47 -6.51
C SER A 77 0.95 -2.32 -6.51
N HIS A 78 0.34 -2.70 -5.39
CA HIS A 78 -1.12 -2.65 -5.21
C HIS A 78 -1.72 -1.36 -5.75
N VAL A 79 -1.26 -0.22 -5.25
CA VAL A 79 -1.77 1.06 -5.69
C VAL A 79 -1.45 1.31 -7.17
N LYS A 80 -0.23 1.02 -7.57
CA LYS A 80 0.24 1.35 -8.90
C LYS A 80 -0.37 0.47 -10.00
N THR A 81 -0.75 -0.76 -9.68
CA THR A 81 -1.31 -1.63 -10.70
C THR A 81 -2.84 -1.69 -10.62
N VAL A 82 -3.38 -2.18 -9.51
CA VAL A 82 -4.81 -2.46 -9.44
C VAL A 82 -5.62 -1.19 -9.14
N HIS A 83 -4.95 -0.15 -8.65
CA HIS A 83 -5.63 1.10 -8.36
C HIS A 83 -5.17 2.22 -9.29
N GLN A 84 -4.22 1.92 -10.16
CA GLN A 84 -3.68 2.93 -11.06
C GLN A 84 -3.48 2.39 -12.47
N GLY A 85 -2.53 1.48 -12.63
CA GLY A 85 -2.18 1.01 -13.96
C GLY A 85 -3.08 -0.10 -14.47
ZN ZN B . -6.05 -0.93 -2.49
N THR A 55 8.50 2.86 16.54
CA THR A 55 7.66 2.31 15.50
C THR A 55 7.71 3.23 14.26
N GLY A 56 8.91 3.37 13.72
CA GLY A 56 9.09 4.19 12.55
C GLY A 56 8.56 3.53 11.30
N GLU A 57 8.30 2.23 11.39
CA GLU A 57 7.75 1.47 10.29
C GLU A 57 6.26 1.76 10.16
N LYS A 58 5.97 2.92 9.61
CA LYS A 58 4.60 3.32 9.34
C LYS A 58 3.96 2.35 8.35
N PRO A 59 2.73 1.91 8.64
CA PRO A 59 2.03 0.93 7.81
C PRO A 59 1.80 1.46 6.40
N TYR A 60 2.37 0.77 5.44
CA TYR A 60 2.21 1.13 4.04
C TYR A 60 0.85 0.65 3.58
N LEU A 61 -0.15 1.50 3.74
CA LEU A 61 -1.52 1.11 3.44
C LEU A 61 -2.06 1.91 2.26
N CYS A 62 -2.78 1.19 1.43
CA CYS A 62 -3.43 1.72 0.25
C CYS A 62 -4.60 2.60 0.68
N ASP A 63 -4.37 3.90 0.71
CA ASP A 63 -5.37 4.85 1.18
C ASP A 63 -6.60 4.84 0.28
N LYS A 64 -6.42 4.30 -0.92
CA LYS A 64 -7.47 4.28 -1.93
C LYS A 64 -8.55 3.25 -1.58
N CYS A 65 -8.19 2.20 -0.87
CA CYS A 65 -9.19 1.18 -0.53
C CYS A 65 -9.10 0.75 0.95
N GLY A 66 -7.92 0.82 1.54
CA GLY A 66 -7.77 0.43 2.94
C GLY A 66 -6.92 -0.83 3.13
N ARG A 67 -5.96 -1.03 2.25
CA ARG A 67 -5.06 -2.17 2.35
C ARG A 67 -3.86 -1.85 3.21
N GLY A 68 -3.68 -2.55 4.32
CA GLY A 68 -2.58 -2.22 5.19
C GLY A 68 -1.47 -3.26 5.17
N PHE A 69 -0.37 -2.95 4.50
CA PHE A 69 0.80 -3.82 4.46
C PHE A 69 1.95 -3.21 5.27
N ASN A 70 2.84 -4.05 5.73
CA ASN A 70 4.04 -3.60 6.42
C ASN A 70 5.22 -3.62 5.46
N ARG A 71 4.91 -3.74 4.17
CA ARG A 71 5.93 -3.80 3.14
C ARG A 71 5.51 -2.93 1.96
N VAL A 72 6.29 -1.89 1.70
CA VAL A 72 5.95 -0.92 0.68
C VAL A 72 6.02 -1.54 -0.71
N ASP A 73 6.81 -2.60 -0.84
CA ASP A 73 6.97 -3.26 -2.13
C ASP A 73 5.66 -3.95 -2.55
N ASN A 74 4.86 -4.37 -1.58
CA ASN A 74 3.57 -4.99 -1.89
C ASN A 74 2.52 -3.92 -2.04
N LEU A 75 2.67 -2.85 -1.29
CA LEU A 75 1.73 -1.73 -1.32
C LEU A 75 1.86 -0.97 -2.64
N ARG A 76 3.09 -0.66 -3.01
CA ARG A 76 3.38 0.12 -4.19
C ARG A 76 2.83 -0.59 -5.42
N SER A 77 3.06 -1.89 -5.45
CA SER A 77 2.52 -2.74 -6.50
C SER A 77 0.99 -2.68 -6.53
N HIS A 78 0.38 -2.87 -5.37
CA HIS A 78 -1.07 -2.87 -5.20
C HIS A 78 -1.69 -1.60 -5.77
N VAL A 79 -1.25 -0.45 -5.27
CA VAL A 79 -1.79 0.83 -5.71
C VAL A 79 -1.51 1.05 -7.19
N LYS A 80 -0.26 0.83 -7.59
CA LYS A 80 0.18 1.14 -8.94
C LYS A 80 -0.54 0.32 -10.01
N THR A 81 -0.92 -0.91 -9.73
CA THR A 81 -1.56 -1.72 -10.74
C THR A 81 -3.09 -1.77 -10.57
N VAL A 82 -3.55 -1.90 -9.33
CA VAL A 82 -4.98 -2.06 -9.07
C VAL A 82 -5.72 -0.73 -9.07
N HIS A 83 -5.14 0.27 -8.42
CA HIS A 83 -5.84 1.53 -8.22
C HIS A 83 -5.19 2.66 -9.00
N GLN A 84 -4.29 2.31 -9.91
CA GLN A 84 -3.62 3.31 -10.72
C GLN A 84 -3.49 2.81 -12.15
N GLY A 85 -2.96 1.60 -12.30
CA GLY A 85 -2.87 1.01 -13.62
C GLY A 85 -4.12 0.25 -14.01
ZN ZN B . -6.00 -1.01 -2.62
N THR A 55 2.67 5.90 17.84
CA THR A 55 2.59 4.46 17.67
C THR A 55 3.92 3.95 17.13
N GLY A 56 4.06 2.63 17.03
CA GLY A 56 5.24 2.05 16.43
C GLY A 56 5.17 2.07 14.91
N GLU A 57 4.83 3.25 14.39
CA GLU A 57 4.67 3.47 12.95
C GLU A 57 3.48 2.70 12.38
N LYS A 58 2.70 3.39 11.57
CA LYS A 58 1.57 2.79 10.89
C LYS A 58 2.04 2.15 9.59
N PRO A 59 1.45 1.01 9.21
CA PRO A 59 1.82 0.27 8.00
C PRO A 59 1.48 1.05 6.73
N TYR A 60 2.21 0.76 5.67
CA TYR A 60 1.98 1.39 4.37
C TYR A 60 0.68 0.86 3.80
N LEU A 61 -0.36 1.65 3.92
CA LEU A 61 -1.68 1.20 3.56
C LEU A 61 -2.24 1.99 2.38
N CYS A 62 -2.81 1.24 1.47
CA CYS A 62 -3.46 1.76 0.28
C CYS A 62 -4.63 2.65 0.67
N ASP A 63 -4.42 3.95 0.66
CA ASP A 63 -5.45 4.90 1.07
C ASP A 63 -6.65 4.83 0.13
N LYS A 64 -6.45 4.21 -1.01
CA LYS A 64 -7.48 4.10 -2.02
C LYS A 64 -8.59 3.17 -1.55
N CYS A 65 -8.23 2.10 -0.85
CA CYS A 65 -9.23 1.12 -0.46
C CYS A 65 -9.11 0.69 1.02
N GLY A 66 -7.95 0.92 1.63
CA GLY A 66 -7.78 0.58 3.03
C GLY A 66 -6.93 -0.67 3.26
N ARG A 67 -5.97 -0.92 2.37
CA ARG A 67 -5.11 -2.09 2.49
C ARG A 67 -3.85 -1.78 3.28
N GLY A 68 -3.67 -2.44 4.41
CA GLY A 68 -2.49 -2.18 5.20
C GLY A 68 -1.37 -3.20 4.94
N PHE A 69 -0.33 -2.77 4.23
CA PHE A 69 0.83 -3.61 4.00
C PHE A 69 1.99 -3.17 4.88
N ASN A 70 2.69 -4.14 5.46
CA ASN A 70 3.88 -3.83 6.25
C ASN A 70 5.13 -3.90 5.37
N ARG A 71 4.93 -3.82 4.06
CA ARG A 71 6.03 -3.86 3.11
C ARG A 71 5.67 -3.04 1.89
N VAL A 72 6.53 -2.10 1.54
CA VAL A 72 6.26 -1.13 0.49
C VAL A 72 6.16 -1.79 -0.88
N ASP A 73 6.91 -2.88 -1.07
CA ASP A 73 6.93 -3.56 -2.37
C ASP A 73 5.56 -4.12 -2.72
N ASN A 74 4.79 -4.50 -1.70
CA ASN A 74 3.45 -5.02 -1.96
C ASN A 74 2.46 -3.87 -2.07
N LEU A 75 2.69 -2.83 -1.29
CA LEU A 75 1.83 -1.66 -1.28
C LEU A 75 1.94 -0.91 -2.60
N ARG A 76 3.17 -0.71 -3.06
CA ARG A 76 3.42 0.04 -4.29
C ARG A 76 2.75 -0.63 -5.46
N SER A 77 2.93 -1.94 -5.54
CA SER A 77 2.34 -2.72 -6.60
C SER A 77 0.81 -2.66 -6.53
N HIS A 78 0.29 -2.80 -5.33
CA HIS A 78 -1.16 -2.77 -5.12
C HIS A 78 -1.75 -1.45 -5.58
N VAL A 79 -1.24 -0.35 -5.06
CA VAL A 79 -1.74 0.97 -5.40
C VAL A 79 -1.52 1.27 -6.88
N LYS A 80 -0.28 1.11 -7.33
CA LYS A 80 0.10 1.54 -8.67
C LYS A 80 -0.45 0.62 -9.77
N THR A 81 -0.71 -0.63 -9.44
CA THR A 81 -1.17 -1.57 -10.45
C THR A 81 -2.69 -1.77 -10.38
N VAL A 82 -3.25 -1.91 -9.18
CA VAL A 82 -4.67 -2.20 -9.02
C VAL A 82 -5.51 -0.93 -9.12
N HIS A 83 -5.12 0.09 -8.38
CA HIS A 83 -5.95 1.28 -8.25
C HIS A 83 -5.51 2.37 -9.23
N GLN A 84 -4.21 2.54 -9.39
CA GLN A 84 -3.70 3.53 -10.34
C GLN A 84 -3.57 2.94 -11.73
N GLY A 85 -3.21 1.66 -11.79
CA GLY A 85 -3.16 0.96 -13.07
C GLY A 85 -4.52 0.87 -13.72
ZN ZN B . -6.04 -1.02 -2.52
N THR A 55 4.50 6.88 14.60
CA THR A 55 4.58 5.54 14.07
C THR A 55 6.02 5.19 13.69
N GLY A 56 6.75 4.62 14.66
CA GLY A 56 8.11 4.21 14.41
C GLY A 56 8.19 3.06 13.42
N GLU A 57 7.25 2.13 13.54
CA GLU A 57 7.12 1.06 12.57
C GLU A 57 6.53 1.62 11.29
N LYS A 58 6.78 0.97 10.17
CA LYS A 58 6.39 1.52 8.87
C LYS A 58 5.20 0.77 8.28
N PRO A 59 4.00 1.34 8.42
CA PRO A 59 2.81 0.84 7.76
C PRO A 59 2.61 1.49 6.40
N TYR A 60 2.40 0.68 5.39
CA TYR A 60 2.16 1.19 4.05
C TYR A 60 0.78 0.78 3.60
N LEU A 61 -0.18 1.68 3.76
CA LEU A 61 -1.56 1.36 3.50
C LEU A 61 -2.09 2.10 2.29
N CYS A 62 -2.78 1.33 1.47
CA CYS A 62 -3.45 1.82 0.27
C CYS A 62 -4.62 2.69 0.67
N ASP A 63 -4.42 4.00 0.62
CA ASP A 63 -5.44 4.95 1.04
C ASP A 63 -6.68 4.80 0.18
N LYS A 64 -6.51 4.19 -0.98
CA LYS A 64 -7.58 4.02 -1.94
C LYS A 64 -8.63 3.04 -1.41
N CYS A 65 -8.21 1.96 -0.75
CA CYS A 65 -9.16 0.94 -0.33
C CYS A 65 -8.94 0.48 1.12
N GLY A 66 -7.94 1.05 1.79
CA GLY A 66 -7.71 0.73 3.18
C GLY A 66 -6.87 -0.53 3.39
N ARG A 67 -5.95 -0.79 2.49
CA ARG A 67 -5.08 -1.97 2.60
C ARG A 67 -3.84 -1.63 3.39
N GLY A 68 -3.61 -2.28 4.51
CA GLY A 68 -2.44 -1.99 5.30
C GLY A 68 -1.35 -3.04 5.12
N PHE A 69 -0.33 -2.71 4.34
CA PHE A 69 0.82 -3.61 4.16
C PHE A 69 1.95 -3.23 5.09
N ASN A 70 2.68 -4.24 5.55
CA ASN A 70 3.90 -4.04 6.33
C ASN A 70 5.09 -4.00 5.38
N ARG A 71 4.81 -4.10 4.08
CA ARG A 71 5.85 -4.13 3.08
C ARG A 71 5.50 -3.18 1.95
N VAL A 72 6.34 -2.17 1.76
CA VAL A 72 6.10 -1.12 0.79
C VAL A 72 6.06 -1.67 -0.64
N ASP A 73 6.79 -2.75 -0.88
CA ASP A 73 6.86 -3.33 -2.21
C ASP A 73 5.48 -3.84 -2.65
N ASN A 74 4.72 -4.39 -1.72
CA ASN A 74 3.40 -4.90 -2.04
C ASN A 74 2.43 -3.74 -2.20
N LEU A 75 2.58 -2.76 -1.31
CA LEU A 75 1.73 -1.58 -1.34
C LEU A 75 1.92 -0.83 -2.64
N ARG A 76 3.18 -0.57 -2.97
CA ARG A 76 3.53 0.19 -4.17
C ARG A 76 2.97 -0.47 -5.42
N SER A 77 3.05 -1.79 -5.45
CA SER A 77 2.51 -2.55 -6.56
C SER A 77 0.98 -2.45 -6.57
N HIS A 78 0.38 -2.85 -5.44
CA HIS A 78 -1.07 -2.81 -5.25
C HIS A 78 -1.68 -1.51 -5.75
N VAL A 79 -1.25 -0.40 -5.17
CA VAL A 79 -1.78 0.90 -5.53
C VAL A 79 -1.53 1.22 -6.99
N LYS A 80 -0.31 0.98 -7.45
CA LYS A 80 0.11 1.42 -8.78
C LYS A 80 -0.44 0.54 -9.91
N THR A 81 -0.80 -0.71 -9.63
CA THR A 81 -1.31 -1.55 -10.71
C THR A 81 -2.83 -1.67 -10.68
N VAL A 82 -3.41 -2.15 -9.58
CA VAL A 82 -4.83 -2.46 -9.55
C VAL A 82 -5.68 -1.21 -9.29
N HIS A 83 -5.10 -0.21 -8.63
CA HIS A 83 -5.84 1.02 -8.37
C HIS A 83 -5.44 2.12 -9.35
N GLN A 84 -4.15 2.22 -9.64
CA GLN A 84 -3.64 3.21 -10.57
C GLN A 84 -3.68 2.67 -11.98
N GLY A 85 -2.94 1.60 -12.23
CA GLY A 85 -2.88 1.03 -13.56
C GLY A 85 -1.59 1.38 -14.26
ZN ZN B . -5.97 -1.05 -2.52
N THR A 55 1.85 1.15 16.40
CA THR A 55 3.04 0.95 15.59
C THR A 55 3.80 2.25 15.38
N GLY A 56 5.09 2.24 15.69
CA GLY A 56 5.93 3.38 15.42
C GLY A 56 6.26 3.46 13.96
N GLU A 57 6.27 2.30 13.32
CA GLU A 57 6.41 2.23 11.87
C GLU A 57 5.10 2.63 11.22
N LYS A 58 5.16 3.53 10.25
CA LYS A 58 3.97 3.93 9.53
C LYS A 58 3.62 2.86 8.50
N PRO A 59 2.49 2.16 8.69
CA PRO A 59 2.09 1.07 7.81
C PRO A 59 1.80 1.55 6.40
N TYR A 60 2.34 0.84 5.43
CA TYR A 60 2.14 1.18 4.04
C TYR A 60 0.77 0.69 3.59
N LEU A 61 -0.22 1.56 3.70
CA LEU A 61 -1.58 1.17 3.38
C LEU A 61 -2.11 1.95 2.19
N CYS A 62 -2.86 1.25 1.38
CA CYS A 62 -3.42 1.75 0.14
C CYS A 62 -4.51 2.76 0.45
N ASP A 63 -4.19 4.04 0.30
CA ASP A 63 -5.12 5.12 0.63
C ASP A 63 -6.35 5.08 -0.28
N LYS A 64 -6.30 4.22 -1.29
CA LYS A 64 -7.41 4.08 -2.21
C LYS A 64 -8.50 3.20 -1.62
N CYS A 65 -8.11 2.09 -1.00
CA CYS A 65 -9.10 1.14 -0.52
C CYS A 65 -8.90 0.77 0.97
N GLY A 66 -7.79 1.19 1.55
CA GLY A 66 -7.53 0.92 2.97
C GLY A 66 -6.81 -0.39 3.20
N ARG A 67 -5.95 -0.77 2.26
CA ARG A 67 -5.17 -2.00 2.36
C ARG A 67 -3.92 -1.75 3.20
N GLY A 68 -3.80 -2.40 4.33
CA GLY A 68 -2.62 -2.23 5.14
C GLY A 68 -1.58 -3.32 4.89
N PHE A 69 -0.39 -2.89 4.50
CA PHE A 69 0.75 -3.79 4.33
C PHE A 69 1.95 -3.24 5.08
N ASN A 70 2.75 -4.13 5.64
CA ASN A 70 3.98 -3.72 6.32
C ASN A 70 5.17 -3.79 5.37
N ARG A 71 4.89 -3.99 4.10
CA ARG A 71 5.93 -4.03 3.10
C ARG A 71 5.55 -3.13 1.92
N VAL A 72 6.31 -2.06 1.75
CA VAL A 72 6.02 -1.03 0.76
C VAL A 72 6.09 -1.58 -0.65
N ASP A 73 6.94 -2.59 -0.86
CA ASP A 73 7.08 -3.20 -2.18
C ASP A 73 5.79 -3.84 -2.62
N ASN A 74 5.00 -4.32 -1.66
CA ASN A 74 3.74 -4.96 -1.97
C ASN A 74 2.66 -3.91 -2.14
N LEU A 75 2.73 -2.89 -1.28
CA LEU A 75 1.77 -1.79 -1.29
C LEU A 75 1.89 -0.99 -2.59
N ARG A 76 3.12 -0.65 -2.94
CA ARG A 76 3.41 0.12 -4.15
C ARG A 76 2.83 -0.58 -5.36
N SER A 77 3.09 -1.88 -5.42
CA SER A 77 2.57 -2.73 -6.46
C SER A 77 1.03 -2.66 -6.50
N HIS A 78 0.42 -2.91 -5.35
CA HIS A 78 -1.03 -2.91 -5.20
C HIS A 78 -1.66 -1.62 -5.73
N VAL A 79 -1.25 -0.50 -5.17
CA VAL A 79 -1.80 0.79 -5.54
C VAL A 79 -1.57 1.08 -7.02
N LYS A 80 -0.31 0.96 -7.43
CA LYS A 80 0.09 1.34 -8.78
C LYS A 80 -0.56 0.51 -9.88
N THR A 81 -0.89 -0.74 -9.61
CA THR A 81 -1.46 -1.58 -10.66
C THR A 81 -2.98 -1.73 -10.54
N VAL A 82 -3.48 -1.92 -9.32
CA VAL A 82 -4.90 -2.23 -9.12
C VAL A 82 -5.76 -0.98 -9.17
N HIS A 83 -5.31 0.06 -8.49
CA HIS A 83 -6.11 1.28 -8.34
C HIS A 83 -5.64 2.35 -9.31
N GLN A 84 -4.35 2.36 -9.59
CA GLN A 84 -3.78 3.31 -10.52
C GLN A 84 -3.78 2.70 -11.92
N GLY A 85 -3.07 1.58 -12.09
CA GLY A 85 -3.04 0.90 -13.37
C GLY A 85 -1.71 1.06 -14.06
ZN ZN B . -6.01 -1.05 -2.63
N THR A 55 3.96 2.75 15.57
CA THR A 55 3.78 1.56 16.40
C THR A 55 4.98 0.60 16.27
N GLY A 56 6.17 1.18 16.15
CA GLY A 56 7.37 0.38 15.99
C GLY A 56 7.58 -0.02 14.55
N GLU A 57 6.62 -0.73 13.99
CA GLU A 57 6.62 -1.09 12.59
C GLU A 57 5.90 0.00 11.80
N LYS A 58 6.23 0.12 10.53
CA LYS A 58 5.64 1.15 9.69
C LYS A 58 4.69 0.53 8.67
N PRO A 59 3.37 0.74 8.86
CA PRO A 59 2.37 0.21 7.96
C PRO A 59 2.21 1.07 6.70
N TYR A 60 2.41 0.44 5.55
CA TYR A 60 2.21 1.10 4.27
C TYR A 60 0.85 0.68 3.71
N LEU A 61 -0.14 1.53 3.89
CA LEU A 61 -1.50 1.17 3.56
C LEU A 61 -2.05 2.01 2.41
N CYS A 62 -2.75 1.31 1.54
CA CYS A 62 -3.41 1.88 0.39
C CYS A 62 -4.58 2.74 0.85
N ASP A 63 -4.36 4.05 0.90
CA ASP A 63 -5.35 4.99 1.40
C ASP A 63 -6.62 4.94 0.56
N LYS A 64 -6.48 4.48 -0.67
CA LYS A 64 -7.58 4.46 -1.62
C LYS A 64 -8.67 3.47 -1.18
N CYS A 65 -8.27 2.34 -0.62
CA CYS A 65 -9.25 1.33 -0.24
C CYS A 65 -9.12 0.91 1.24
N GLY A 66 -7.92 1.05 1.80
CA GLY A 66 -7.70 0.66 3.19
C GLY A 66 -6.88 -0.61 3.34
N ARG A 67 -5.97 -0.84 2.39
CA ARG A 67 -5.11 -2.03 2.44
C ARG A 67 -3.85 -1.76 3.25
N GLY A 68 -3.67 -2.47 4.33
CA GLY A 68 -2.51 -2.24 5.16
C GLY A 68 -1.41 -3.26 4.93
N PHE A 69 -0.36 -2.86 4.22
CA PHE A 69 0.80 -3.71 4.00
C PHE A 69 1.90 -3.41 5.00
N ASN A 70 2.61 -4.44 5.40
CA ASN A 70 3.75 -4.28 6.31
C ASN A 70 5.02 -4.10 5.48
N ARG A 71 4.83 -4.01 4.17
CA ARG A 71 5.94 -3.91 3.24
C ARG A 71 5.52 -3.03 2.05
N VAL A 72 6.28 -1.96 1.84
CA VAL A 72 5.95 -0.95 0.84
C VAL A 72 6.04 -1.51 -0.57
N ASP A 73 6.86 -2.54 -0.75
CA ASP A 73 7.03 -3.15 -2.07
C ASP A 73 5.72 -3.74 -2.58
N ASN A 74 4.88 -4.23 -1.68
CA ASN A 74 3.60 -4.78 -2.10
C ASN A 74 2.55 -3.68 -2.19
N LEU A 75 2.68 -2.67 -1.33
CA LEU A 75 1.80 -1.52 -1.35
C LEU A 75 1.96 -0.78 -2.69
N ARG A 76 3.22 -0.56 -3.05
CA ARG A 76 3.56 0.12 -4.29
C ARG A 76 2.92 -0.56 -5.47
N SER A 77 2.98 -1.87 -5.50
CA SER A 77 2.37 -2.65 -6.55
C SER A 77 0.85 -2.46 -6.53
N HIS A 78 0.24 -2.75 -5.38
CA HIS A 78 -1.21 -2.67 -5.20
C HIS A 78 -1.78 -1.37 -5.76
N VAL A 79 -1.32 -0.25 -5.22
CA VAL A 79 -1.84 1.04 -5.63
C VAL A 79 -1.57 1.30 -7.11
N LYS A 80 -0.36 1.05 -7.55
CA LYS A 80 0.05 1.42 -8.90
C LYS A 80 -0.45 0.47 -9.99
N THR A 81 -0.76 -0.77 -9.66
CA THR A 81 -1.20 -1.70 -10.69
C THR A 81 -2.73 -1.89 -10.71
N VAL A 82 -3.32 -2.29 -9.60
CA VAL A 82 -4.76 -2.58 -9.59
C VAL A 82 -5.58 -1.31 -9.40
N HIS A 83 -5.03 -0.34 -8.69
CA HIS A 83 -5.73 0.92 -8.43
C HIS A 83 -5.43 1.94 -9.52
N GLN A 84 -4.22 1.90 -10.05
CA GLN A 84 -3.84 2.80 -11.14
C GLN A 84 -3.77 2.05 -12.46
N GLY A 85 -2.84 1.11 -12.58
CA GLY A 85 -2.70 0.35 -13.80
C GLY A 85 -1.58 0.87 -14.67
ZN ZN B . -6.09 -0.71 -2.48
N THR A 55 5.09 1.08 15.45
CA THR A 55 4.54 1.85 14.34
C THR A 55 3.62 2.94 14.87
N GLY A 56 4.21 4.08 15.23
CA GLY A 56 3.43 5.18 15.76
C GLY A 56 2.60 5.83 14.67
N GLU A 57 3.17 5.88 13.48
CA GLU A 57 2.48 6.45 12.32
C GLU A 57 1.60 5.40 11.66
N LYS A 58 1.19 5.67 10.43
CA LYS A 58 0.38 4.74 9.68
C LYS A 58 1.26 3.81 8.85
N PRO A 59 0.97 2.50 8.88
CA PRO A 59 1.69 1.51 8.06
C PRO A 59 1.50 1.79 6.57
N TYR A 60 2.20 1.03 5.73
CA TYR A 60 2.12 1.22 4.30
C TYR A 60 0.81 0.65 3.77
N LEU A 61 -0.25 1.41 3.95
CA LEU A 61 -1.57 0.96 3.59
C LEU A 61 -2.13 1.78 2.46
N CYS A 62 -2.80 1.08 1.56
CA CYS A 62 -3.45 1.67 0.41
C CYS A 62 -4.63 2.50 0.88
N ASP A 63 -4.43 3.81 0.99
CA ASP A 63 -5.47 4.73 1.45
C ASP A 63 -6.62 4.78 0.47
N LYS A 64 -6.39 4.23 -0.72
CA LYS A 64 -7.37 4.25 -1.78
C LYS A 64 -8.48 3.24 -1.52
N CYS A 65 -8.19 2.20 -0.75
CA CYS A 65 -9.22 1.21 -0.45
C CYS A 65 -9.16 0.71 1.00
N GLY A 66 -7.99 0.81 1.63
CA GLY A 66 -7.85 0.37 3.02
C GLY A 66 -7.02 -0.90 3.15
N ARG A 67 -6.04 -1.07 2.28
CA ARG A 67 -5.16 -2.24 2.32
C ARG A 67 -4.01 -2.00 3.26
N GLY A 68 -3.87 -2.80 4.30
CA GLY A 68 -2.80 -2.59 5.24
C GLY A 68 -1.60 -3.49 4.99
N PHE A 69 -0.48 -2.88 4.61
CA PHE A 69 0.78 -3.61 4.44
C PHE A 69 1.85 -2.99 5.32
N ASN A 70 2.86 -3.79 5.66
CA ASN A 70 4.02 -3.29 6.38
C ASN A 70 5.22 -3.24 5.46
N ARG A 71 4.99 -3.41 4.17
CA ARG A 71 6.06 -3.42 3.19
C ARG A 71 5.63 -2.68 1.93
N VAL A 72 6.51 -1.78 1.48
CA VAL A 72 6.23 -0.94 0.32
C VAL A 72 6.17 -1.77 -0.95
N ASP A 73 6.79 -2.94 -0.95
CA ASP A 73 6.81 -3.80 -2.13
C ASP A 73 5.40 -4.22 -2.51
N ASN A 74 4.60 -4.53 -1.50
CA ASN A 74 3.24 -4.99 -1.73
C ASN A 74 2.35 -3.79 -2.00
N LEU A 75 2.61 -2.71 -1.28
CA LEU A 75 1.82 -1.48 -1.42
C LEU A 75 2.04 -0.85 -2.79
N ARG A 76 3.31 -0.75 -3.17
CA ARG A 76 3.71 -0.12 -4.44
C ARG A 76 3.07 -0.83 -5.62
N SER A 77 3.06 -2.15 -5.57
CA SER A 77 2.41 -2.93 -6.61
C SER A 77 0.91 -2.64 -6.61
N HIS A 78 0.30 -2.85 -5.44
CA HIS A 78 -1.14 -2.72 -5.27
C HIS A 78 -1.67 -1.40 -5.83
N VAL A 79 -1.16 -0.28 -5.31
CA VAL A 79 -1.65 1.04 -5.68
C VAL A 79 -1.38 1.34 -7.15
N LYS A 80 -0.17 1.03 -7.61
CA LYS A 80 0.25 1.45 -8.94
C LYS A 80 -0.32 0.56 -10.05
N THR A 81 -0.71 -0.68 -9.74
CA THR A 81 -1.27 -1.54 -10.77
C THR A 81 -2.81 -1.60 -10.70
N VAL A 82 -3.35 -1.77 -9.49
CA VAL A 82 -4.79 -1.90 -9.33
C VAL A 82 -5.47 -0.54 -9.33
N HIS A 83 -5.01 0.33 -8.44
CA HIS A 83 -5.64 1.62 -8.23
C HIS A 83 -5.03 2.69 -9.12
N GLN A 84 -4.20 2.26 -10.06
CA GLN A 84 -3.65 3.15 -11.07
C GLN A 84 -3.58 2.44 -12.41
N GLY A 85 -2.71 1.43 -12.48
CA GLY A 85 -2.52 0.71 -13.72
C GLY A 85 -1.72 1.53 -14.71
ZN ZN B . -6.02 -0.90 -2.60
N THR A 55 5.14 -0.67 15.41
CA THR A 55 6.42 -1.33 15.31
C THR A 55 7.29 -0.65 14.24
N GLY A 56 8.49 -1.16 14.02
CA GLY A 56 9.37 -0.59 13.02
C GLY A 56 8.74 -0.60 11.64
N GLU A 57 8.12 -1.71 11.29
CA GLU A 57 7.46 -1.83 9.99
C GLU A 57 6.00 -1.44 10.10
N LYS A 58 5.78 -0.17 10.34
CA LYS A 58 4.45 0.41 10.37
C LYS A 58 3.78 0.23 9.01
N PRO A 59 2.52 -0.22 9.00
CA PRO A 59 1.82 -0.62 7.77
C PRO A 59 1.62 0.53 6.80
N TYR A 60 2.07 0.32 5.58
CA TYR A 60 1.82 1.22 4.48
C TYR A 60 0.53 0.79 3.81
N LEU A 61 -0.53 1.54 4.05
CA LEU A 61 -1.84 1.12 3.62
C LEU A 61 -2.34 1.94 2.45
N CYS A 62 -2.81 1.21 1.46
CA CYS A 62 -3.41 1.75 0.26
C CYS A 62 -4.55 2.68 0.62
N ASP A 63 -4.28 3.99 0.60
CA ASP A 63 -5.26 4.99 0.98
C ASP A 63 -6.44 4.99 0.00
N LYS A 64 -6.28 4.25 -1.09
CA LYS A 64 -7.34 4.10 -2.07
C LYS A 64 -8.47 3.25 -1.50
N CYS A 65 -8.12 2.14 -0.86
CA CYS A 65 -9.14 1.19 -0.44
C CYS A 65 -9.00 0.78 1.04
N GLY A 66 -7.81 0.95 1.61
CA GLY A 66 -7.60 0.61 3.00
C GLY A 66 -6.80 -0.66 3.21
N ARG A 67 -5.89 -0.95 2.30
CA ARG A 67 -5.06 -2.15 2.39
C ARG A 67 -3.78 -1.88 3.16
N GLY A 68 -3.60 -2.54 4.28
CA GLY A 68 -2.41 -2.30 5.07
C GLY A 68 -1.31 -3.32 4.84
N PHE A 69 -0.25 -2.91 4.15
CA PHE A 69 0.92 -3.76 3.96
C PHE A 69 2.10 -3.26 4.76
N ASN A 70 2.72 -4.14 5.54
CA ASN A 70 3.88 -3.78 6.33
C ASN A 70 5.15 -3.76 5.46
N ARG A 71 4.93 -3.80 4.15
CA ARG A 71 6.02 -3.81 3.19
C ARG A 71 5.63 -2.97 1.97
N VAL A 72 6.47 -1.99 1.65
CA VAL A 72 6.18 -1.04 0.58
C VAL A 72 6.14 -1.71 -0.79
N ASP A 73 6.86 -2.82 -0.94
CA ASP A 73 6.91 -3.51 -2.22
C ASP A 73 5.54 -4.05 -2.59
N ASN A 74 4.75 -4.40 -1.59
CA ASN A 74 3.40 -4.90 -1.83
C ASN A 74 2.45 -3.74 -2.02
N LEU A 75 2.63 -2.71 -1.20
CA LEU A 75 1.78 -1.52 -1.26
C LEU A 75 1.93 -0.81 -2.60
N ARG A 76 3.18 -0.58 -2.98
CA ARG A 76 3.50 0.19 -4.19
C ARG A 76 2.94 -0.50 -5.41
N SER A 77 3.05 -1.82 -5.42
CA SER A 77 2.50 -2.62 -6.48
C SER A 77 0.97 -2.53 -6.49
N HIS A 78 0.38 -2.81 -5.33
CA HIS A 78 -1.07 -2.79 -5.15
C HIS A 78 -1.69 -1.50 -5.71
N VAL A 79 -1.21 -0.37 -5.23
CA VAL A 79 -1.73 0.92 -5.67
C VAL A 79 -1.51 1.11 -7.17
N LYS A 80 -0.29 0.92 -7.61
CA LYS A 80 0.10 1.23 -8.99
C LYS A 80 -0.60 0.36 -10.03
N THR A 81 -0.90 -0.88 -9.70
CA THR A 81 -1.48 -1.77 -10.70
C THR A 81 -3.00 -1.91 -10.52
N VAL A 82 -3.47 -2.04 -9.28
CA VAL A 82 -4.88 -2.31 -9.04
C VAL A 82 -5.71 -1.04 -9.10
N HIS A 83 -5.21 0.02 -8.49
CA HIS A 83 -6.00 1.24 -8.34
C HIS A 83 -5.57 2.31 -9.33
N GLN A 84 -4.27 2.43 -9.55
CA GLN A 84 -3.75 3.40 -10.49
C GLN A 84 -3.81 2.82 -11.90
N GLY A 85 -3.31 1.60 -12.06
CA GLY A 85 -3.33 0.96 -13.35
C GLY A 85 -4.61 0.19 -13.59
ZN ZN B . -6.02 -0.98 -2.58
N THR A 55 7.12 1.13 13.61
CA THR A 55 7.19 1.93 12.39
C THR A 55 6.81 3.38 12.68
N GLY A 56 7.84 4.22 12.89
CA GLY A 56 7.60 5.61 13.19
C GLY A 56 6.99 6.35 12.03
N GLU A 57 7.36 5.93 10.82
CA GLU A 57 6.78 6.49 9.61
C GLU A 57 5.38 5.92 9.37
N LYS A 58 4.74 6.37 8.32
CA LYS A 58 3.40 5.91 8.00
C LYS A 58 3.43 4.47 7.49
N PRO A 59 2.62 3.59 8.10
CA PRO A 59 2.43 2.22 7.63
C PRO A 59 2.02 2.20 6.17
N TYR A 60 2.54 1.25 5.42
CA TYR A 60 2.34 1.20 3.99
C TYR A 60 0.97 0.65 3.65
N LEU A 61 -0.02 1.53 3.62
CA LEU A 61 -1.39 1.13 3.36
C LEU A 61 -1.95 1.88 2.16
N CYS A 62 -2.79 1.17 1.44
CA CYS A 62 -3.44 1.67 0.25
C CYS A 62 -4.57 2.60 0.64
N ASP A 63 -4.31 3.90 0.58
CA ASP A 63 -5.31 4.91 0.96
C ASP A 63 -6.48 4.87 0.00
N LYS A 64 -6.32 4.13 -1.09
CA LYS A 64 -7.36 4.00 -2.08
C LYS A 64 -8.50 3.15 -1.55
N CYS A 65 -8.16 1.98 -1.00
CA CYS A 65 -9.20 1.03 -0.58
C CYS A 65 -9.09 0.64 0.90
N GLY A 66 -7.98 1.00 1.55
CA GLY A 66 -7.82 0.68 2.97
C GLY A 66 -7.02 -0.59 3.21
N ARG A 67 -6.05 -0.86 2.35
CA ARG A 67 -5.20 -2.04 2.48
C ARG A 67 -3.99 -1.74 3.34
N GLY A 68 -3.83 -2.42 4.45
CA GLY A 68 -2.68 -2.16 5.30
C GLY A 68 -1.60 -3.21 5.17
N PHE A 69 -0.44 -2.80 4.66
CA PHE A 69 0.73 -3.68 4.55
C PHE A 69 1.90 -3.14 5.34
N ASN A 70 2.81 -4.03 5.69
CA ASN A 70 4.07 -3.63 6.31
C ASN A 70 5.22 -3.81 5.34
N ARG A 71 4.89 -3.94 4.06
CA ARG A 71 5.88 -4.06 3.02
C ARG A 71 5.53 -3.13 1.87
N VAL A 72 6.28 -2.05 1.77
CA VAL A 72 6.01 -1.00 0.79
C VAL A 72 6.05 -1.55 -0.62
N ASP A 73 6.86 -2.58 -0.84
CA ASP A 73 7.01 -3.17 -2.16
C ASP A 73 5.69 -3.77 -2.64
N ASN A 74 4.95 -4.40 -1.73
CA ASN A 74 3.72 -5.07 -2.12
C ASN A 74 2.58 -4.06 -2.17
N LEU A 75 2.67 -3.07 -1.30
CA LEU A 75 1.69 -1.99 -1.25
C LEU A 75 1.79 -1.13 -2.50
N ARG A 76 3.02 -0.75 -2.82
CA ARG A 76 3.30 0.09 -3.98
C ARG A 76 2.74 -0.53 -5.25
N SER A 77 2.96 -1.82 -5.40
CA SER A 77 2.44 -2.56 -6.54
C SER A 77 0.91 -2.50 -6.53
N HIS A 78 0.32 -2.85 -5.38
CA HIS A 78 -1.13 -2.86 -5.20
C HIS A 78 -1.76 -1.54 -5.63
N VAL A 79 -1.27 -0.44 -5.09
CA VAL A 79 -1.79 0.88 -5.44
C VAL A 79 -1.55 1.18 -6.91
N LYS A 80 -0.29 1.04 -7.33
CA LYS A 80 0.14 1.46 -8.66
C LYS A 80 -0.56 0.68 -9.78
N THR A 81 -0.83 -0.60 -9.59
CA THR A 81 -1.38 -1.39 -10.68
C THR A 81 -2.90 -1.58 -10.57
N VAL A 82 -3.41 -1.76 -9.35
CA VAL A 82 -4.82 -2.07 -9.16
C VAL A 82 -5.68 -0.81 -9.20
N HIS A 83 -5.36 0.14 -8.34
CA HIS A 83 -6.19 1.32 -8.16
C HIS A 83 -5.71 2.46 -9.04
N GLN A 84 -4.40 2.61 -9.13
CA GLN A 84 -3.81 3.60 -10.01
C GLN A 84 -3.91 3.11 -11.45
N GLY A 85 -3.29 1.96 -11.71
CA GLY A 85 -3.41 1.34 -13.02
C GLY A 85 -2.18 1.56 -13.88
ZN ZN B . -6.02 -1.15 -2.54
N THR A 55 7.29 -0.27 14.29
CA THR A 55 8.15 -1.32 13.75
C THR A 55 9.19 -0.77 12.75
N GLY A 56 9.56 0.49 12.94
CA GLY A 56 10.52 1.12 12.06
C GLY A 56 9.89 1.54 10.74
N GLU A 57 9.48 0.55 9.97
CA GLU A 57 8.82 0.78 8.71
C GLU A 57 7.37 1.18 8.96
N LYS A 58 7.04 2.40 8.56
CA LYS A 58 5.70 2.92 8.71
C LYS A 58 4.69 2.07 7.95
N PRO A 59 3.49 1.86 8.50
CA PRO A 59 2.46 1.05 7.85
C PRO A 59 2.12 1.58 6.46
N TYR A 60 2.36 0.75 5.46
CA TYR A 60 2.14 1.15 4.08
C TYR A 60 0.74 0.74 3.65
N LEU A 61 -0.19 1.67 3.75
CA LEU A 61 -1.58 1.37 3.48
C LEU A 61 -2.06 2.07 2.22
N CYS A 62 -2.83 1.32 1.46
CA CYS A 62 -3.43 1.78 0.22
C CYS A 62 -4.60 2.70 0.52
N ASP A 63 -4.35 4.01 0.46
CA ASP A 63 -5.37 5.02 0.75
C ASP A 63 -6.57 4.86 -0.18
N LYS A 64 -6.34 4.20 -1.30
CA LYS A 64 -7.38 3.99 -2.29
C LYS A 64 -8.50 3.11 -1.75
N CYS A 65 -8.13 2.02 -1.07
CA CYS A 65 -9.14 1.07 -0.63
C CYS A 65 -9.06 0.74 0.87
N GLY A 66 -7.88 0.92 1.46
CA GLY A 66 -7.73 0.62 2.88
C GLY A 66 -6.88 -0.61 3.16
N ARG A 67 -5.90 -0.86 2.30
CA ARG A 67 -5.01 -2.02 2.48
C ARG A 67 -3.80 -1.67 3.33
N GLY A 68 -3.65 -2.33 4.46
CA GLY A 68 -2.49 -2.07 5.29
C GLY A 68 -1.41 -3.12 5.12
N PHE A 69 -0.36 -2.79 4.37
CA PHE A 69 0.77 -3.69 4.19
C PHE A 69 1.93 -3.29 5.09
N ASN A 70 2.69 -4.27 5.54
CA ASN A 70 3.89 -4.02 6.31
C ASN A 70 5.12 -4.11 5.41
N ARG A 71 4.88 -4.11 4.10
CA ARG A 71 5.95 -4.13 3.13
C ARG A 71 5.59 -3.21 1.96
N VAL A 72 6.39 -2.18 1.79
CA VAL A 72 6.11 -1.12 0.84
C VAL A 72 6.14 -1.64 -0.59
N ASP A 73 6.93 -2.67 -0.83
CA ASP A 73 7.04 -3.29 -2.14
C ASP A 73 5.69 -3.84 -2.61
N ASN A 74 4.92 -4.38 -1.67
CA ASN A 74 3.63 -4.95 -2.01
C ASN A 74 2.61 -3.83 -2.18
N LEU A 75 2.74 -2.82 -1.34
CA LEU A 75 1.85 -1.67 -1.36
C LEU A 75 2.00 -0.89 -2.65
N ARG A 76 3.25 -0.62 -3.03
CA ARG A 76 3.55 0.16 -4.23
C ARG A 76 2.99 -0.53 -5.45
N SER A 77 3.06 -1.85 -5.44
CA SER A 77 2.51 -2.66 -6.50
C SER A 77 0.98 -2.57 -6.50
N HIS A 78 0.40 -2.87 -5.34
CA HIS A 78 -1.05 -2.88 -5.15
C HIS A 78 -1.69 -1.57 -5.61
N VAL A 79 -1.24 -0.46 -5.06
CA VAL A 79 -1.81 0.84 -5.40
C VAL A 79 -1.63 1.15 -6.87
N LYS A 80 -0.40 1.03 -7.34
CA LYS A 80 -0.05 1.46 -8.70
C LYS A 80 -0.73 0.61 -9.76
N THR A 81 -0.89 -0.68 -9.56
CA THR A 81 -1.42 -1.51 -10.62
C THR A 81 -2.93 -1.76 -10.47
N VAL A 82 -3.39 -1.93 -9.24
CA VAL A 82 -4.79 -2.30 -9.00
C VAL A 82 -5.71 -1.07 -9.06
N HIS A 83 -5.30 -0.01 -8.40
CA HIS A 83 -6.17 1.16 -8.26
C HIS A 83 -5.76 2.26 -9.20
N GLN A 84 -4.46 2.37 -9.47
CA GLN A 84 -3.96 3.39 -10.37
C GLN A 84 -3.95 2.85 -11.81
N GLY A 85 -3.24 1.75 -12.03
CA GLY A 85 -3.22 1.15 -13.35
C GLY A 85 -2.05 1.66 -14.18
ZN ZN B . -5.93 -1.14 -2.54
N THR A 55 8.56 2.86 15.43
CA THR A 55 8.09 2.23 14.21
C THR A 55 8.59 2.99 12.99
N GLY A 56 9.80 2.67 12.55
CA GLY A 56 10.36 3.31 11.37
C GLY A 56 9.67 2.84 10.11
N GLU A 57 9.20 1.60 10.13
CA GLU A 57 8.46 1.05 9.01
C GLU A 57 7.00 1.43 9.12
N LYS A 58 6.73 2.68 8.78
CA LYS A 58 5.39 3.23 8.78
C LYS A 58 4.47 2.38 7.92
N PRO A 59 3.27 2.05 8.42
CA PRO A 59 2.32 1.22 7.68
C PRO A 59 2.03 1.79 6.29
N TYR A 60 2.37 1.01 5.29
CA TYR A 60 2.13 1.38 3.92
C TYR A 60 0.77 0.84 3.50
N LEU A 61 -0.26 1.61 3.75
CA LEU A 61 -1.60 1.17 3.47
C LEU A 61 -2.17 1.92 2.28
N CYS A 62 -2.88 1.18 1.46
CA CYS A 62 -3.50 1.68 0.25
C CYS A 62 -4.64 2.63 0.60
N ASP A 63 -4.35 3.93 0.51
CA ASP A 63 -5.33 4.97 0.83
C ASP A 63 -6.56 4.84 -0.06
N LYS A 64 -6.38 4.18 -1.19
CA LYS A 64 -7.43 4.00 -2.17
C LYS A 64 -8.55 3.13 -1.63
N CYS A 65 -8.21 2.06 -0.93
CA CYS A 65 -9.24 1.10 -0.52
C CYS A 65 -9.13 0.72 0.97
N GLY A 66 -7.93 0.81 1.55
CA GLY A 66 -7.77 0.47 2.97
C GLY A 66 -6.94 -0.79 3.19
N ARG A 67 -5.97 -1.02 2.32
CA ARG A 67 -5.09 -2.19 2.43
C ARG A 67 -3.87 -1.87 3.28
N GLY A 68 -3.68 -2.54 4.40
CA GLY A 68 -2.54 -2.22 5.26
C GLY A 68 -1.39 -3.19 5.13
N PHE A 69 -0.33 -2.75 4.45
CA PHE A 69 0.91 -3.54 4.33
C PHE A 69 2.04 -2.86 5.10
N ASN A 70 2.92 -3.64 5.70
CA ASN A 70 4.11 -3.07 6.31
C ASN A 70 5.31 -3.19 5.37
N ARG A 71 5.05 -3.65 4.15
CA ARG A 71 6.08 -3.76 3.14
C ARG A 71 5.67 -2.95 1.92
N VAL A 72 6.46 -1.92 1.63
CA VAL A 72 6.14 -0.96 0.59
C VAL A 72 6.13 -1.62 -0.78
N ASP A 73 6.89 -2.70 -0.94
CA ASP A 73 6.92 -3.45 -2.19
C ASP A 73 5.52 -3.92 -2.58
N ASN A 74 4.79 -4.44 -1.60
CA ASN A 74 3.47 -5.00 -1.89
C ASN A 74 2.46 -3.88 -2.04
N LEU A 75 2.64 -2.84 -1.24
CA LEU A 75 1.76 -1.69 -1.28
C LEU A 75 1.91 -0.96 -2.62
N ARG A 76 3.15 -0.75 -3.01
CA ARG A 76 3.47 -0.02 -4.22
C ARG A 76 2.86 -0.72 -5.41
N SER A 77 3.02 -2.03 -5.43
CA SER A 77 2.43 -2.87 -6.46
C SER A 77 0.91 -2.72 -6.46
N HIS A 78 0.31 -2.98 -5.30
CA HIS A 78 -1.15 -2.93 -5.12
C HIS A 78 -1.75 -1.64 -5.66
N VAL A 79 -1.24 -0.52 -5.17
CA VAL A 79 -1.76 0.78 -5.57
C VAL A 79 -1.48 1.05 -7.04
N LYS A 80 -0.23 0.89 -7.44
CA LYS A 80 0.22 1.32 -8.76
C LYS A 80 -0.39 0.46 -9.89
N THR A 81 -0.79 -0.77 -9.59
CA THR A 81 -1.36 -1.60 -10.64
C THR A 81 -2.90 -1.66 -10.57
N VAL A 82 -3.45 -1.83 -9.37
CA VAL A 82 -4.89 -2.03 -9.25
C VAL A 82 -5.65 -0.71 -9.30
N HIS A 83 -5.30 0.21 -8.41
CA HIS A 83 -6.08 1.43 -8.22
C HIS A 83 -5.56 2.57 -9.07
N GLN A 84 -4.30 2.49 -9.47
CA GLN A 84 -3.70 3.54 -10.30
C GLN A 84 -3.48 3.04 -11.73
N GLY A 85 -2.94 1.82 -11.87
CA GLY A 85 -2.66 1.30 -13.20
C GLY A 85 -3.84 0.56 -13.79
ZN ZN B . -6.09 -1.11 -2.56
N THR A 55 7.41 5.67 15.23
CA THR A 55 7.38 5.08 13.91
C THR A 55 8.10 5.95 12.89
N GLY A 56 9.40 5.73 12.75
CA GLY A 56 10.15 6.34 11.68
C GLY A 56 9.74 5.74 10.36
N GLU A 57 9.42 4.45 10.40
CA GLU A 57 8.87 3.76 9.26
C GLU A 57 7.35 3.86 9.29
N LYS A 58 6.80 4.38 8.22
CA LYS A 58 5.38 4.72 8.14
C LYS A 58 4.55 3.49 7.76
N PRO A 59 3.29 3.45 8.19
CA PRO A 59 2.37 2.37 7.81
C PRO A 59 2.03 2.44 6.33
N TYR A 60 2.34 1.38 5.60
CA TYR A 60 2.17 1.40 4.16
C TYR A 60 0.86 0.76 3.77
N LEU A 61 -0.21 1.53 3.93
CA LEU A 61 -1.54 1.07 3.60
C LEU A 61 -2.11 1.88 2.45
N CYS A 62 -2.80 1.19 1.59
CA CYS A 62 -3.44 1.76 0.42
C CYS A 62 -4.62 2.61 0.86
N ASP A 63 -4.41 3.92 0.92
CA ASP A 63 -5.47 4.85 1.35
C ASP A 63 -6.65 4.79 0.41
N LYS A 64 -6.39 4.32 -0.80
CA LYS A 64 -7.40 4.28 -1.85
C LYS A 64 -8.50 3.28 -1.55
N CYS A 65 -8.18 2.24 -0.80
CA CYS A 65 -9.21 1.25 -0.46
C CYS A 65 -9.15 0.82 1.02
N GLY A 66 -7.95 0.78 1.60
CA GLY A 66 -7.82 0.38 3.00
C GLY A 66 -6.98 -0.87 3.19
N ARG A 67 -5.99 -1.06 2.32
CA ARG A 67 -5.10 -2.21 2.40
C ARG A 67 -3.90 -1.89 3.27
N GLY A 68 -3.73 -2.61 4.36
CA GLY A 68 -2.59 -2.36 5.21
C GLY A 68 -1.46 -3.33 4.96
N PHE A 69 -0.39 -2.85 4.34
CA PHE A 69 0.81 -3.66 4.14
C PHE A 69 1.94 -3.18 5.02
N ASN A 70 2.77 -4.11 5.45
CA ASN A 70 4.00 -3.79 6.16
C ASN A 70 5.19 -4.06 5.25
N ARG A 71 4.92 -4.10 3.95
CA ARG A 71 5.95 -4.30 2.95
C ARG A 71 5.68 -3.40 1.75
N VAL A 72 6.55 -2.42 1.56
CA VAL A 72 6.38 -1.38 0.55
C VAL A 72 6.20 -1.94 -0.86
N ASP A 73 6.88 -3.04 -1.15
CA ASP A 73 6.85 -3.60 -2.49
C ASP A 73 5.48 -4.15 -2.83
N ASN A 74 4.73 -4.56 -1.81
CA ASN A 74 3.39 -5.08 -2.03
C ASN A 74 2.42 -3.92 -2.14
N LEU A 75 2.67 -2.89 -1.33
CA LEU A 75 1.84 -1.70 -1.32
C LEU A 75 1.98 -0.96 -2.65
N ARG A 76 3.22 -0.78 -3.06
CA ARG A 76 3.54 -0.04 -4.27
C ARG A 76 2.89 -0.71 -5.46
N SER A 77 3.01 -2.03 -5.52
CA SER A 77 2.40 -2.83 -6.56
C SER A 77 0.88 -2.66 -6.55
N HIS A 78 0.30 -2.86 -5.36
CA HIS A 78 -1.15 -2.79 -5.17
C HIS A 78 -1.72 -1.48 -5.71
N VAL A 79 -1.23 -0.36 -5.17
CA VAL A 79 -1.73 0.94 -5.57
C VAL A 79 -1.44 1.22 -7.05
N LYS A 80 -0.22 0.94 -7.47
CA LYS A 80 0.22 1.31 -8.81
C LYS A 80 -0.42 0.47 -9.90
N THR A 81 -0.82 -0.77 -9.60
CA THR A 81 -1.43 -1.59 -10.63
C THR A 81 -2.96 -1.67 -10.48
N VAL A 82 -3.45 -1.88 -9.26
CA VAL A 82 -4.88 -2.10 -9.05
C VAL A 82 -5.63 -0.78 -9.03
N HIS A 83 -5.03 0.22 -8.39
CA HIS A 83 -5.70 1.51 -8.19
C HIS A 83 -5.11 2.56 -9.11
N GLN A 84 -4.23 2.13 -10.00
CA GLN A 84 -3.64 3.03 -10.99
C GLN A 84 -3.58 2.33 -12.35
N GLY A 85 -2.71 1.33 -12.47
CA GLY A 85 -2.56 0.63 -13.72
C GLY A 85 -1.22 -0.04 -13.88
ZN ZN B . -6.00 -0.90 -2.51
#